data_7COK
#
_entry.id   7COK
#
_cell.length_a   41.527
_cell.length_b   63.475
_cell.length_c   93.919
_cell.angle_alpha   90.000
_cell.angle_beta   93.420
_cell.angle_gamma   90.000
#
_symmetry.space_group_name_H-M   'P 1 21 1'
#
loop_
_entity.id
_entity.type
_entity.pdbx_description
1 polymer '5-ketofructose reductase'
2 water water
#
_entity_poly.entity_id   1
_entity_poly.type   'polypeptide(L)'
_entity_poly.pdbx_seq_one_letter_code
;MSGQGFRSILTGSFSTPCADNPTVAMVEAGYHHAGLDARYINCDVKASGLADAVKGAKAMEWVGFNCSLPHKVAVLDHLD
DIAESARLIGAVNCVAIREGKLIGHNTDGKGFLASLKTVTSPAGKRVVILGAGGAARAIAVELALAGAAHITIVNRDASK
AETIAALINDKTEATGEAQAWSGKFSLPTGTDILINATSIGLGDPNAAPPVEMGSLTKETVVADVIPNPPQTRFLKDAKA
LGCTTLDGLGMLVNQGVIGVEIWLGRTLDSAVMAQTLENIFGTENK
;
_entity_poly.pdbx_strand_id   A,B
#
# COMPACT_ATOMS: atom_id res chain seq x y z
N GLY A 5 -9.78 10.13 8.35
CA GLY A 5 -9.64 10.89 7.07
C GLY A 5 -9.01 10.04 5.98
N PHE A 6 -7.70 10.19 5.81
CA PHE A 6 -7.00 9.67 4.65
C PHE A 6 -6.01 8.57 4.97
N ARG A 7 -6.05 8.09 6.20
CA ARG A 7 -5.23 6.94 6.57
C ARG A 7 -6.04 5.66 6.52
N SER A 8 -5.85 4.90 5.45
CA SER A 8 -6.47 3.56 5.33
C SER A 8 -5.67 2.53 6.11
N ILE A 9 -6.35 1.50 6.61
CA ILE A 9 -5.71 0.35 7.24
C ILE A 9 -4.96 -0.36 6.11
N LEU A 10 -3.70 -0.75 6.38
CA LEU A 10 -2.86 -1.36 5.34
C LEU A 10 -2.61 -2.82 5.63
N THR A 11 -2.83 -3.63 4.61
CA THR A 11 -2.53 -5.04 4.56
C THR A 11 -1.92 -5.28 3.17
N GLY A 12 -1.41 -6.48 2.90
CA GLY A 12 -0.98 -6.78 1.54
C GLY A 12 -0.30 -8.12 1.46
N SER A 13 0.61 -8.23 0.48
CA SER A 13 1.25 -9.51 0.16
C SER A 13 2.67 -9.33 -0.35
N PHE A 14 3.53 -10.28 0.02
CA PHE A 14 4.89 -10.35 -0.52
C PHE A 14 5.01 -11.67 -1.25
N SER A 15 5.40 -11.60 -2.52
CA SER A 15 5.58 -12.80 -3.34
C SER A 15 6.31 -12.39 -4.60
N THR A 16 6.83 -13.36 -5.33
CA THR A 16 7.30 -13.12 -6.69
C THR A 16 7.18 -14.39 -7.53
N PRO A 17 6.59 -14.32 -8.73
CA PRO A 17 5.90 -13.13 -9.29
C PRO A 17 4.54 -12.93 -8.63
N CYS A 18 4.00 -11.71 -8.70
CA CYS A 18 2.70 -11.42 -8.08
C CYS A 18 1.59 -10.95 -9.01
N ALA A 19 1.92 -10.75 -10.30
CA ALA A 19 1.00 -10.10 -11.22
C ALA A 19 -0.25 -10.92 -11.50
N ASP A 20 -0.16 -12.23 -11.33
CA ASP A 20 -1.30 -13.09 -11.65
C ASP A 20 -2.10 -13.52 -10.41
N ASN A 21 -1.75 -12.96 -9.26
CA ASN A 21 -2.41 -13.31 -8.00
C ASN A 21 -3.63 -12.43 -7.74
N PRO A 22 -4.85 -13.01 -7.76
CA PRO A 22 -6.06 -12.18 -7.67
C PRO A 22 -6.54 -11.85 -6.23
N THR A 23 -5.75 -12.19 -5.22
CA THR A 23 -6.15 -12.08 -3.81
C THR A 23 -6.51 -10.61 -3.51
N VAL A 24 -5.71 -9.69 -4.07
CA VAL A 24 -5.97 -8.26 -3.94
C VAL A 24 -7.43 -7.90 -4.30
N ALA A 25 -7.91 -8.40 -5.42
CA ALA A 25 -9.24 -8.07 -5.88
C ALA A 25 -10.28 -8.71 -4.96
N MET A 26 -10.06 -9.97 -4.60
CA MET A 26 -10.97 -10.65 -3.72
C MET A 26 -11.11 -9.93 -2.37
N VAL A 27 -9.98 -9.68 -1.73
CA VAL A 27 -9.97 -9.12 -0.40
C VAL A 27 -10.51 -7.68 -0.43
N GLU A 28 -10.15 -6.89 -1.44
CA GLU A 28 -10.63 -5.49 -1.49
C GLU A 28 -12.11 -5.46 -1.79
N ALA A 29 -12.62 -6.44 -2.54
CA ALA A 29 -14.06 -6.51 -2.75
C ALA A 29 -14.79 -6.70 -1.41
N GLY A 30 -14.21 -7.56 -0.56
CA GLY A 30 -14.67 -7.74 0.80
C GLY A 30 -14.58 -6.49 1.65
N TYR A 31 -13.44 -5.82 1.62
CA TYR A 31 -13.28 -4.56 2.35
C TYR A 31 -14.36 -3.53 1.95
N HIS A 32 -14.59 -3.41 0.63
CA HIS A 32 -15.51 -2.40 0.11
C HIS A 32 -16.94 -2.72 0.52
N HIS A 33 -17.31 -4.00 0.47
CA HIS A 33 -18.65 -4.44 0.84
C HIS A 33 -18.92 -4.12 2.32
N ALA A 34 -17.90 -4.25 3.16
CA ALA A 34 -18.00 -4.00 4.62
C ALA A 34 -17.96 -2.52 4.96
N GLY A 35 -17.59 -1.71 3.98
CA GLY A 35 -17.40 -0.26 4.17
C GLY A 35 -16.16 0.02 5.00
N LEU A 36 -15.17 -0.86 4.90
CA LEU A 36 -13.95 -0.78 5.69
C LEU A 36 -12.96 -0.01 4.89
N ASP A 37 -12.37 1.01 5.51
CA ASP A 37 -11.32 1.78 4.85
C ASP A 37 -9.99 1.04 5.04
N ALA A 38 -9.82 0.02 4.23
CA ALA A 38 -8.65 -0.86 4.29
C ALA A 38 -8.21 -1.14 2.86
N ARG A 39 -6.92 -1.40 2.69
CA ARG A 39 -6.32 -1.66 1.38
C ARG A 39 -5.47 -2.90 1.48
N TYR A 40 -5.32 -3.59 0.35
CA TYR A 40 -4.45 -4.74 0.22
C TYR A 40 -3.44 -4.40 -0.85
N ILE A 41 -2.17 -4.35 -0.46
CA ILE A 41 -1.09 -3.96 -1.34
C ILE A 41 -0.29 -5.17 -1.82
N ASN A 42 -0.45 -5.50 -3.11
CA ASN A 42 0.19 -6.68 -3.72
C ASN A 42 1.58 -6.30 -4.22
N CYS A 43 2.59 -6.76 -3.49
CA CYS A 43 3.99 -6.37 -3.76
C CYS A 43 4.81 -7.50 -4.35
N ASP A 44 5.64 -7.14 -5.33
CA ASP A 44 6.55 -8.11 -5.88
C ASP A 44 7.87 -7.98 -5.14
N VAL A 45 8.13 -8.94 -4.27
CA VAL A 45 9.26 -8.88 -3.36
C VAL A 45 10.18 -10.04 -3.69
N LYS A 46 11.44 -9.74 -4.02
CA LYS A 46 12.41 -10.77 -4.35
C LYS A 46 12.95 -11.43 -3.05
N ALA A 47 13.55 -12.62 -3.17
CA ALA A 47 14.07 -13.31 -1.96
C ALA A 47 15.03 -12.43 -1.17
N SER A 48 15.89 -11.67 -1.88
CA SER A 48 16.84 -10.79 -1.20
C SER A 48 16.18 -9.56 -0.55
N GLY A 49 14.90 -9.32 -0.87
CA GLY A 49 14.16 -8.20 -0.31
C GLY A 49 13.23 -8.55 0.82
N LEU A 50 13.08 -9.84 1.11
CA LEU A 50 12.05 -10.23 2.09
C LEU A 50 12.24 -9.65 3.48
N ALA A 51 13.47 -9.72 4.02
CA ALA A 51 13.75 -9.17 5.34
C ALA A 51 13.36 -7.69 5.44
N ASP A 52 13.75 -6.90 4.45
CA ASP A 52 13.44 -5.47 4.44
C ASP A 52 11.96 -5.20 4.20
N ALA A 53 11.29 -6.05 3.42
CA ALA A 53 9.86 -5.87 3.22
C ALA A 53 9.10 -6.11 4.50
N VAL A 54 9.46 -7.15 5.24
CA VAL A 54 8.83 -7.44 6.51
C VAL A 54 9.02 -6.30 7.52
N LYS A 55 10.26 -5.83 7.67
CA LYS A 55 10.55 -4.69 8.52
C LYS A 55 9.83 -3.45 8.00
N GLY A 56 9.67 -3.36 6.67
CA GLY A 56 8.99 -2.23 6.02
C GLY A 56 7.51 -2.17 6.36
N ALA A 57 6.82 -3.32 6.30
CA ALA A 57 5.42 -3.33 6.69
C ALA A 57 5.23 -2.94 8.16
N LYS A 58 6.16 -3.35 9.01
CA LYS A 58 6.11 -2.93 10.42
C LYS A 58 6.27 -1.41 10.57
N ALA A 59 7.25 -0.86 9.87
CA ALA A 59 7.55 0.58 9.96
C ALA A 59 6.44 1.45 9.36
N MET A 60 5.76 0.90 8.35
CA MET A 60 4.65 1.57 7.69
C MET A 60 3.35 1.29 8.42
N GLU A 61 3.42 0.51 9.50
CA GLU A 61 2.28 0.25 10.39
C GLU A 61 1.12 -0.50 9.71
N TRP A 62 1.46 -1.39 8.78
CA TRP A 62 0.50 -2.40 8.34
C TRP A 62 -0.01 -3.24 9.51
N VAL A 63 -1.18 -3.85 9.35
CA VAL A 63 -1.72 -4.73 10.39
C VAL A 63 -1.53 -6.19 10.07
N GLY A 64 -1.13 -6.49 8.84
CA GLY A 64 -0.91 -7.85 8.41
C GLY A 64 -0.46 -7.93 6.98
N PHE A 65 0.05 -9.11 6.62
CA PHE A 65 0.38 -9.38 5.23
C PHE A 65 0.40 -10.87 4.97
N ASN A 66 0.17 -11.27 3.71
CA ASN A 66 0.42 -12.63 3.24
C ASN A 66 1.78 -12.79 2.66
N CYS A 67 2.25 -14.03 2.71
CA CYS A 67 3.42 -14.47 1.96
C CYS A 67 3.00 -15.60 1.06
N SER A 68 3.40 -15.51 -0.20
CA SER A 68 3.21 -16.60 -1.16
C SER A 68 4.59 -17.01 -1.65
N LEU A 69 4.65 -17.92 -2.62
CA LEU A 69 5.90 -18.30 -3.29
C LEU A 69 6.73 -17.07 -3.64
N PRO A 70 8.03 -17.06 -3.33
CA PRO A 70 8.77 -18.18 -2.74
C PRO A 70 9.16 -17.93 -1.27
N HIS A 71 8.30 -17.18 -0.54
CA HIS A 71 8.62 -16.71 0.83
C HIS A 71 8.08 -17.50 2.03
N LYS A 72 7.26 -18.53 1.82
CA LYS A 72 6.55 -19.16 2.95
C LYS A 72 7.41 -19.84 4.01
N VAL A 73 8.56 -20.38 3.59
CA VAL A 73 9.51 -21.00 4.53
C VAL A 73 10.49 -19.93 5.06
N ALA A 74 11.00 -19.12 4.15
CA ALA A 74 12.01 -18.13 4.49
C ALA A 74 11.50 -17.11 5.51
N VAL A 75 10.20 -16.77 5.45
CA VAL A 75 9.65 -15.77 6.35
C VAL A 75 9.75 -16.18 7.83
N LEU A 76 9.83 -17.48 8.11
CA LEU A 76 9.90 -17.90 9.52
C LEU A 76 11.04 -17.23 10.27
N ASP A 77 12.15 -16.98 9.56
CA ASP A 77 13.34 -16.28 10.10
C ASP A 77 13.07 -14.85 10.59
N HIS A 78 11.98 -14.25 10.13
CA HIS A 78 11.74 -12.84 10.42
C HIS A 78 10.58 -12.56 11.38
N LEU A 79 10.04 -13.62 11.98
CA LEU A 79 8.86 -13.52 12.83
C LEU A 79 9.19 -13.58 14.31
N ASP A 80 8.26 -13.10 15.13
CA ASP A 80 8.40 -13.10 16.59
C ASP A 80 7.72 -14.31 17.22
N ASP A 81 6.67 -14.81 16.58
CA ASP A 81 5.86 -15.91 17.08
C ASP A 81 5.33 -16.73 15.91
N ILE A 82 5.19 -18.03 16.11
CA ILE A 82 4.70 -18.99 15.11
C ILE A 82 3.59 -19.82 15.75
N ALA A 83 2.39 -19.75 15.17
CA ALA A 83 1.23 -20.53 15.62
C ALA A 83 1.44 -22.03 15.43
N GLU A 84 0.62 -22.82 16.13
CA GLU A 84 0.77 -24.26 16.20
C GLU A 84 0.85 -24.95 14.84
N SER A 85 -0.17 -24.75 13.99
CA SER A 85 -0.18 -25.46 12.72
C SER A 85 0.96 -25.01 11.81
N ALA A 86 1.28 -23.71 11.82
CA ALA A 86 2.44 -23.18 11.09
C ALA A 86 3.73 -23.80 11.57
N ARG A 87 3.86 -24.02 12.89
CA ARG A 87 5.04 -24.70 13.45
C ARG A 87 5.19 -26.10 12.89
N LEU A 88 4.10 -26.86 12.88
CA LEU A 88 4.16 -28.22 12.38
C LEU A 88 4.37 -28.29 10.87
N ILE A 89 3.65 -27.45 10.13
CA ILE A 89 3.78 -27.38 8.67
C ILE A 89 5.18 -26.91 8.27
N GLY A 90 5.72 -25.94 9.02
CA GLY A 90 7.04 -25.41 8.73
C GLY A 90 6.99 -24.32 7.69
N ALA A 91 5.84 -23.66 7.60
CA ALA A 91 5.66 -22.59 6.65
C ALA A 91 4.56 -21.65 7.14
N VAL A 92 4.65 -20.39 6.74
CA VAL A 92 3.72 -19.34 7.10
C VAL A 92 3.28 -18.58 5.83
N ASN A 93 1.97 -18.36 5.72
CA ASN A 93 1.44 -17.58 4.61
C ASN A 93 0.63 -16.37 5.07
N CYS A 94 0.43 -16.19 6.38
CA CYS A 94 -0.39 -15.10 6.90
C CYS A 94 0.25 -14.59 8.18
N VAL A 95 0.67 -13.34 8.13
CA VAL A 95 1.36 -12.70 9.25
C VAL A 95 0.48 -11.60 9.80
N ALA A 96 0.29 -11.59 11.12
CA ALA A 96 -0.36 -10.47 11.79
C ALA A 96 0.69 -9.63 12.45
N ILE A 97 0.49 -8.31 12.43
CA ILE A 97 1.31 -7.34 13.11
C ILE A 97 0.47 -6.75 14.24
N ARG A 98 0.87 -7.08 15.48
CA ARG A 98 0.16 -6.64 16.67
C ARG A 98 1.14 -5.94 17.59
N GLU A 99 0.96 -4.62 17.70
CA GLU A 99 1.83 -3.73 18.47
C GLU A 99 3.33 -3.96 18.16
N GLY A 100 3.66 -3.98 16.86
CA GLY A 100 5.03 -4.17 16.38
C GLY A 100 5.51 -5.62 16.33
N LYS A 101 4.71 -6.55 16.86
CA LYS A 101 5.07 -7.97 16.92
C LYS A 101 4.56 -8.73 15.71
N LEU A 102 5.41 -9.57 15.13
CA LEU A 102 5.05 -10.31 13.92
C LEU A 102 4.70 -11.75 14.26
N ILE A 103 3.43 -12.09 14.03
CA ILE A 103 2.86 -13.38 14.41
C ILE A 103 2.50 -14.15 13.16
N GLY A 104 3.15 -15.29 12.95
CA GLY A 104 2.95 -16.12 11.74
C GLY A 104 1.92 -17.23 11.88
N HIS A 105 1.04 -17.31 10.89
CA HIS A 105 -0.01 -18.34 10.81
C HIS A 105 0.09 -19.04 9.48
N ASN A 106 -0.41 -20.27 9.45
CA ASN A 106 -0.59 -20.96 8.20
C ASN A 106 -2.06 -21.23 8.00
N THR A 107 -2.60 -20.74 6.90
CA THR A 107 -4.03 -20.94 6.64
C THR A 107 -4.30 -21.75 5.36
N ASP A 108 -3.24 -22.33 4.79
CA ASP A 108 -3.36 -23.09 3.53
C ASP A 108 -4.20 -24.35 3.67
N GLY A 109 -4.39 -24.85 4.89
CA GLY A 109 -5.31 -25.95 5.12
C GLY A 109 -6.59 -25.49 5.78
N LYS A 110 -6.64 -24.23 6.23
CA LYS A 110 -7.81 -23.75 7.01
C LYS A 110 -9.00 -23.39 6.12
N GLY A 111 -8.75 -22.95 4.87
CA GLY A 111 -9.84 -22.68 3.93
C GLY A 111 -10.62 -23.95 3.69
N PHE A 112 -9.91 -25.04 3.47
CA PHE A 112 -10.52 -26.34 3.28
C PHE A 112 -11.31 -26.78 4.52
N LEU A 113 -10.69 -26.67 5.70
CA LEU A 113 -11.34 -27.02 6.94
C LEU A 113 -12.62 -26.24 7.17
N ALA A 114 -12.62 -24.93 6.89
CA ALA A 114 -13.85 -24.15 7.00
C ALA A 114 -14.91 -24.64 6.02
N SER A 115 -14.53 -24.91 4.76
CA SER A 115 -15.48 -25.48 3.81
C SER A 115 -16.05 -26.82 4.32
N LEU A 116 -15.15 -27.68 4.84
CA LEU A 116 -15.54 -29.00 5.35
C LEU A 116 -16.59 -28.87 6.45
N LYS A 117 -16.34 -27.96 7.38
CA LYS A 117 -17.20 -27.76 8.55
C LYS A 117 -18.63 -27.34 8.19
N THR A 118 -18.84 -26.81 6.98
CA THR A 118 -20.22 -26.54 6.51
C THR A 118 -21.03 -27.81 6.26
N VAL A 119 -20.34 -28.94 6.09
CA VAL A 119 -21.06 -30.19 5.76
C VAL A 119 -20.95 -31.29 6.82
N THR A 120 -19.81 -31.32 7.52
CA THR A 120 -19.54 -32.35 8.53
C THR A 120 -18.35 -31.97 9.41
N SER A 121 -18.19 -32.66 10.53
CA SER A 121 -17.01 -32.46 11.39
C SER A 121 -15.87 -33.37 10.94
N PRO A 122 -14.64 -32.85 11.01
CA PRO A 122 -13.47 -33.68 10.71
C PRO A 122 -13.13 -34.70 11.79
N ALA A 123 -13.63 -34.50 13.01
CA ALA A 123 -13.18 -35.29 14.16
C ALA A 123 -13.61 -36.76 13.99
N GLY A 124 -12.64 -37.66 14.11
CA GLY A 124 -12.90 -39.10 14.00
C GLY A 124 -13.02 -39.64 12.58
N LYS A 125 -12.85 -38.77 11.59
CA LYS A 125 -13.03 -39.14 10.19
C LYS A 125 -11.80 -39.80 9.58
N ARG A 126 -12.06 -40.64 8.57
CA ARG A 126 -11.02 -41.26 7.77
C ARG A 126 -10.96 -40.55 6.42
N VAL A 127 -9.77 -40.04 6.11
CA VAL A 127 -9.56 -39.11 5.02
C VAL A 127 -8.53 -39.63 4.02
N VAL A 128 -8.78 -39.40 2.73
CA VAL A 128 -7.80 -39.66 1.66
C VAL A 128 -7.45 -38.35 0.98
N ILE A 129 -6.15 -38.06 0.88
CA ILE A 129 -5.66 -36.87 0.19
C ILE A 129 -4.88 -37.34 -1.03
N LEU A 130 -5.33 -36.92 -2.21
CA LEU A 130 -4.61 -37.17 -3.45
C LEU A 130 -3.58 -36.08 -3.66
N GLY A 131 -2.32 -36.50 -3.68
CA GLY A 131 -1.19 -35.58 -3.89
C GLY A 131 -0.45 -35.28 -2.61
N ALA A 132 0.83 -34.90 -2.71
CA ALA A 132 1.69 -34.64 -1.56
C ALA A 132 2.39 -33.26 -1.50
N GLY A 133 1.86 -32.28 -2.23
CA GLY A 133 2.42 -30.91 -2.24
C GLY A 133 2.25 -30.08 -0.96
N GLY A 134 2.46 -28.77 -1.11
CA GLY A 134 2.33 -27.84 0.01
C GLY A 134 0.91 -27.83 0.56
N ALA A 135 -0.06 -27.82 -0.35
CA ALA A 135 -1.48 -27.87 -0.01
C ALA A 135 -1.83 -29.14 0.77
N ALA A 136 -1.35 -30.29 0.28
CA ALA A 136 -1.58 -31.56 0.96
C ALA A 136 -1.02 -31.60 2.40
N ARG A 137 0.22 -31.13 2.57
CA ARG A 137 0.85 -31.06 3.89
C ARG A 137 0.01 -30.23 4.87
N ALA A 138 -0.38 -29.01 4.46
CA ALA A 138 -1.17 -28.16 5.35
C ALA A 138 -2.55 -28.72 5.67
N ILE A 139 -3.21 -29.27 4.64
CA ILE A 139 -4.53 -29.88 4.81
C ILE A 139 -4.44 -31.08 5.78
N ALA A 140 -3.43 -31.93 5.61
CA ALA A 140 -3.22 -33.07 6.51
C ALA A 140 -3.01 -32.61 7.97
N VAL A 141 -2.19 -31.59 8.17
CA VAL A 141 -1.96 -31.08 9.53
C VAL A 141 -3.24 -30.53 10.12
N GLU A 142 -3.96 -29.69 9.37
CA GLU A 142 -5.17 -29.08 9.92
C GLU A 142 -6.24 -30.12 10.28
N LEU A 143 -6.38 -31.13 9.45
CA LEU A 143 -7.31 -32.21 9.75
C LEU A 143 -6.91 -33.00 11.00
N ALA A 144 -5.62 -33.30 11.11
CA ALA A 144 -5.07 -33.99 12.27
C ALA A 144 -5.28 -33.20 13.54
N LEU A 145 -4.96 -31.90 13.53
CA LEU A 145 -5.20 -31.02 14.71
C LEU A 145 -6.69 -30.88 15.02
N ALA A 146 -7.54 -31.04 14.03
CA ALA A 146 -8.98 -30.94 14.22
C ALA A 146 -9.62 -32.28 14.60
N GLY A 147 -8.80 -33.30 14.84
CA GLY A 147 -9.27 -34.57 15.37
C GLY A 147 -9.56 -35.69 14.40
N ALA A 148 -9.14 -35.57 13.14
CA ALA A 148 -9.32 -36.69 12.20
C ALA A 148 -8.63 -37.96 12.71
N ALA A 149 -9.25 -39.11 12.44
CA ALA A 149 -8.70 -40.37 12.95
C ALA A 149 -7.56 -40.93 12.10
N HIS A 150 -7.70 -40.82 10.78
CA HIS A 150 -6.84 -41.52 9.85
C HIS A 150 -6.72 -40.75 8.56
N ILE A 151 -5.48 -40.54 8.12
CA ILE A 151 -5.20 -39.76 6.92
C ILE A 151 -4.29 -40.56 6.02
N THR A 152 -4.75 -40.80 4.81
CA THR A 152 -4.00 -41.55 3.80
C THR A 152 -3.57 -40.53 2.75
N ILE A 153 -2.27 -40.46 2.46
CA ILE A 153 -1.74 -39.54 1.46
C ILE A 153 -1.28 -40.39 0.28
N VAL A 154 -1.79 -40.07 -0.90
CA VAL A 154 -1.62 -40.86 -2.12
C VAL A 154 -0.80 -40.03 -3.11
N ASN A 155 0.33 -40.58 -3.54
CA ASN A 155 1.22 -39.83 -4.43
C ASN A 155 2.00 -40.80 -5.30
N ARG A 156 2.29 -40.41 -6.54
CA ARG A 156 3.09 -41.26 -7.43
C ARG A 156 4.46 -41.47 -6.79
N ASP A 157 5.05 -40.42 -6.24
CA ASP A 157 6.28 -40.56 -5.46
C ASP A 157 5.86 -40.74 -4.01
N ALA A 158 5.76 -42.01 -3.61
CA ALA A 158 5.25 -42.40 -2.29
C ALA A 158 6.09 -41.88 -1.14
N SER A 159 7.40 -41.71 -1.35
CA SER A 159 8.28 -41.16 -0.32
C SER A 159 7.88 -39.74 0.11
N LYS A 160 7.38 -38.94 -0.83
CA LYS A 160 6.83 -37.59 -0.53
C LYS A 160 5.54 -37.70 0.28
N ALA A 161 4.68 -38.67 -0.03
CA ALA A 161 3.52 -38.96 0.83
C ALA A 161 3.95 -39.44 2.22
N GLU A 162 4.97 -40.30 2.27
CA GLU A 162 5.49 -40.84 3.53
C GLU A 162 6.01 -39.74 4.44
N THR A 163 6.55 -38.66 3.87
CA THR A 163 7.00 -37.50 4.65
C THR A 163 5.82 -36.89 5.41
N ILE A 164 4.70 -36.72 4.73
CA ILE A 164 3.50 -36.21 5.36
C ILE A 164 2.91 -37.24 6.37
N ALA A 165 2.80 -38.51 5.98
CA ALA A 165 2.34 -39.52 6.91
C ALA A 165 3.15 -39.56 8.23
N ALA A 166 4.48 -39.45 8.10
CA ALA A 166 5.40 -39.46 9.25
C ALA A 166 5.16 -38.24 10.12
N LEU A 167 4.95 -37.08 9.51
CA LEU A 167 4.61 -35.86 10.24
C LEU A 167 3.34 -36.06 11.08
N ILE A 168 2.32 -36.66 10.48
CA ILE A 168 1.06 -36.87 11.17
C ILE A 168 1.23 -37.81 12.36
N ASN A 169 1.88 -38.96 12.14
CA ASN A 169 2.10 -39.92 13.22
C ASN A 169 2.97 -39.39 14.34
N ASP A 170 4.00 -38.62 13.99
CA ASP A 170 5.00 -38.12 14.94
C ASP A 170 4.55 -36.93 15.75
N LYS A 171 3.69 -36.10 15.16
CA LYS A 171 3.34 -34.83 15.76
C LYS A 171 1.86 -34.63 16.10
N THR A 172 1.02 -35.62 15.81
CA THR A 172 -0.42 -35.49 16.04
C THR A 172 -1.02 -36.78 16.62
N GLU A 173 -2.29 -36.70 17.02
CA GLU A 173 -3.01 -37.87 17.53
C GLU A 173 -3.57 -38.77 16.43
N ALA A 174 -3.59 -38.23 15.21
CA ALA A 174 -4.09 -38.91 14.03
C ALA A 174 -3.09 -39.94 13.52
N THR A 175 -3.61 -40.98 12.89
CA THR A 175 -2.79 -41.96 12.18
C THR A 175 -2.60 -41.51 10.74
N GLY A 176 -1.35 -41.47 10.29
CA GLY A 176 -1.01 -41.17 8.91
C GLY A 176 -0.48 -42.38 8.17
N GLU A 177 -0.85 -42.51 6.90
CA GLU A 177 -0.47 -43.64 6.04
C GLU A 177 -0.17 -43.11 4.66
N ALA A 178 0.88 -43.63 4.03
CA ALA A 178 1.22 -43.28 2.65
C ALA A 178 0.96 -44.44 1.70
N GLN A 179 0.49 -44.12 0.51
CA GLN A 179 0.24 -45.12 -0.53
C GLN A 179 0.74 -44.61 -1.87
N ALA A 180 1.48 -45.46 -2.59
CA ALA A 180 1.92 -45.13 -3.93
C ALA A 180 0.70 -45.13 -4.83
N TRP A 181 0.69 -44.19 -5.76
CA TRP A 181 -0.41 -44.00 -6.69
C TRP A 181 -0.06 -44.70 -7.99
N SER A 182 -0.81 -45.75 -8.31
CA SER A 182 -0.63 -46.51 -9.55
C SER A 182 -2.03 -46.83 -10.10
N GLY A 183 -2.33 -46.25 -11.26
CA GLY A 183 -3.64 -46.37 -11.89
C GLY A 183 -4.71 -45.62 -11.11
N LYS A 184 -5.96 -46.01 -11.36
CA LYS A 184 -7.14 -45.48 -10.68
C LYS A 184 -7.13 -45.90 -9.23
N PHE A 185 -6.88 -44.91 -8.35
CA PHE A 185 -6.84 -45.17 -6.91
C PHE A 185 -8.20 -45.56 -6.39
N SER A 186 -8.21 -46.70 -5.71
CA SER A 186 -9.42 -47.21 -5.12
C SER A 186 -9.46 -46.81 -3.65
N LEU A 187 -10.44 -46.00 -3.28
CA LEU A 187 -10.62 -45.61 -1.89
C LEU A 187 -10.79 -46.80 -0.94
N PRO A 188 -9.96 -46.88 0.13
CA PRO A 188 -10.20 -47.98 1.08
C PRO A 188 -11.58 -47.86 1.66
N THR A 189 -12.17 -49.00 1.97
CA THR A 189 -13.48 -49.01 2.60
C THR A 189 -13.49 -48.13 3.87
N GLY A 190 -14.62 -47.48 4.12
CA GLY A 190 -14.77 -46.57 5.24
C GLY A 190 -14.15 -45.19 5.09
N THR A 191 -13.78 -44.79 3.87
CA THR A 191 -13.28 -43.44 3.65
C THR A 191 -14.45 -42.45 3.73
N ASP A 192 -14.27 -41.42 4.56
CA ASP A 192 -15.31 -40.42 4.81
C ASP A 192 -15.16 -39.20 3.92
N ILE A 193 -13.92 -38.83 3.62
CA ILE A 193 -13.60 -37.60 2.93
C ILE A 193 -12.50 -37.89 1.91
N LEU A 194 -12.70 -37.46 0.67
CA LEU A 194 -11.69 -37.53 -0.38
C LEU A 194 -11.35 -36.12 -0.86
N ILE A 195 -10.06 -35.78 -0.87
CA ILE A 195 -9.61 -34.45 -1.24
C ILE A 195 -8.60 -34.52 -2.35
N ASN A 196 -8.86 -33.83 -3.46
CA ASN A 196 -7.83 -33.65 -4.46
C ASN A 196 -6.94 -32.47 -4.11
N ALA A 197 -5.64 -32.74 -3.91
CA ALA A 197 -4.65 -31.67 -3.70
C ALA A 197 -3.65 -31.60 -4.86
N THR A 198 -3.99 -32.22 -5.97
CA THR A 198 -3.16 -32.14 -7.18
C THR A 198 -3.57 -30.94 -8.00
N SER A 199 -2.79 -30.64 -9.03
CA SER A 199 -3.22 -29.66 -10.01
C SER A 199 -3.86 -30.28 -11.24
N ILE A 200 -4.22 -31.56 -11.18
CA ILE A 200 -4.90 -32.21 -12.32
C ILE A 200 -6.34 -31.73 -12.42
N GLY A 201 -6.62 -30.98 -13.48
CA GLY A 201 -7.89 -30.32 -13.63
C GLY A 201 -7.82 -28.82 -13.57
N LEU A 202 -6.68 -28.29 -13.12
CA LEU A 202 -6.44 -26.83 -13.05
C LEU A 202 -6.47 -26.24 -14.44
N GLY A 203 -7.45 -25.36 -14.68
CA GLY A 203 -7.66 -24.75 -15.99
C GLY A 203 -8.03 -25.73 -17.10
N ASP A 204 -8.40 -26.96 -16.74
CA ASP A 204 -8.78 -27.96 -17.72
C ASP A 204 -10.01 -28.76 -17.29
N PRO A 205 -11.19 -28.34 -17.78
CA PRO A 205 -12.45 -28.96 -17.43
C PRO A 205 -12.53 -30.44 -17.82
N ASN A 206 -11.62 -30.89 -18.70
CA ASN A 206 -11.63 -32.29 -19.15
C ASN A 206 -10.65 -33.24 -18.45
N ALA A 207 -9.80 -32.70 -17.57
CA ALA A 207 -8.80 -33.50 -16.87
C ALA A 207 -9.25 -33.79 -15.45
N ALA A 208 -9.02 -35.02 -15.00
CA ALA A 208 -9.32 -35.40 -13.61
C ALA A 208 -8.22 -36.32 -13.07
N PRO A 209 -7.91 -36.24 -11.76
CA PRO A 209 -6.95 -37.20 -11.23
C PRO A 209 -7.45 -38.63 -11.35
N PRO A 210 -6.53 -39.62 -11.56
CA PRO A 210 -6.94 -41.01 -11.77
C PRO A 210 -7.43 -41.68 -10.49
N VAL A 211 -8.75 -41.66 -10.33
CA VAL A 211 -9.43 -42.23 -9.17
C VAL A 211 -10.50 -43.15 -9.71
N GLU A 212 -10.62 -44.34 -9.11
CA GLU A 212 -11.74 -45.22 -9.37
C GLU A 212 -12.96 -44.61 -8.69
N MET A 213 -13.76 -43.92 -9.49
CA MET A 213 -14.85 -43.14 -8.92
C MET A 213 -15.91 -44.05 -8.31
N GLY A 214 -15.99 -45.30 -8.81
CA GLY A 214 -16.93 -46.28 -8.23
C GLY A 214 -16.58 -46.76 -6.83
N SER A 215 -15.41 -46.36 -6.31
CA SER A 215 -15.01 -46.73 -4.95
C SER A 215 -15.58 -45.75 -3.93
N LEU A 216 -16.15 -44.66 -4.43
CA LEU A 216 -16.85 -43.69 -3.58
C LEU A 216 -18.22 -44.19 -3.20
N THR A 217 -18.60 -43.98 -1.94
CA THR A 217 -20.00 -44.08 -1.55
C THR A 217 -20.65 -42.71 -1.73
N LYS A 218 -21.97 -42.69 -1.79
CA LYS A 218 -22.72 -41.43 -1.86
C LYS A 218 -22.56 -40.56 -0.62
N GLU A 219 -22.11 -41.18 0.47
CA GLU A 219 -21.85 -40.53 1.75
C GLU A 219 -20.49 -39.82 1.82
N THR A 220 -19.59 -40.18 0.90
CA THR A 220 -18.24 -39.63 0.90
C THR A 220 -18.30 -38.17 0.52
N VAL A 221 -17.65 -37.33 1.33
CA VAL A 221 -17.50 -35.90 1.05
C VAL A 221 -16.29 -35.76 0.13
N VAL A 222 -16.48 -35.08 -1.01
CA VAL A 222 -15.43 -34.98 -2.02
C VAL A 222 -15.08 -33.50 -2.20
N ALA A 223 -13.79 -33.19 -2.05
CA ALA A 223 -13.31 -31.79 -2.10
C ALA A 223 -12.17 -31.67 -3.10
N ASP A 224 -12.01 -30.48 -3.64
CA ASP A 224 -10.96 -30.20 -4.60
C ASP A 224 -10.37 -28.83 -4.31
N VAL A 225 -9.04 -28.76 -4.16
CA VAL A 225 -8.35 -27.48 -3.92
C VAL A 225 -8.29 -26.56 -5.15
N ILE A 226 -8.45 -27.12 -6.35
CA ILE A 226 -8.41 -26.32 -7.57
C ILE A 226 -9.51 -25.25 -7.57
N PRO A 227 -9.15 -23.97 -7.73
CA PRO A 227 -10.20 -22.91 -7.70
C PRO A 227 -10.75 -22.52 -9.06
N ASN A 228 -10.09 -22.98 -10.13
CA ASN A 228 -10.41 -22.59 -11.49
C ASN A 228 -10.13 -23.76 -12.45
N PRO A 229 -11.17 -24.37 -13.03
CA PRO A 229 -12.57 -24.08 -12.76
C PRO A 229 -13.00 -24.54 -11.37
N PRO A 230 -13.95 -23.83 -10.74
CA PRO A 230 -14.33 -24.32 -9.41
C PRO A 230 -15.07 -25.64 -9.46
N GLN A 231 -15.87 -25.84 -10.50
CA GLN A 231 -16.49 -27.12 -10.75
C GLN A 231 -15.65 -27.93 -11.73
N THR A 232 -14.67 -28.64 -11.16
CA THR A 232 -13.74 -29.49 -11.90
C THR A 232 -14.46 -30.74 -12.39
N ARG A 233 -13.89 -31.42 -13.38
CA ARG A 233 -14.40 -32.74 -13.81
C ARG A 233 -14.56 -33.69 -12.63
N PHE A 234 -13.54 -33.78 -11.78
CA PHE A 234 -13.54 -34.56 -10.56
C PHE A 234 -14.77 -34.27 -9.70
N LEU A 235 -15.01 -32.99 -9.38
CA LEU A 235 -16.23 -32.66 -8.61
C LEU A 235 -17.54 -32.91 -9.33
N LYS A 236 -17.56 -32.68 -10.65
CA LYS A 236 -18.78 -32.92 -11.43
C LYS A 236 -19.12 -34.40 -11.46
N ASP A 237 -18.10 -35.24 -11.63
CA ASP A 237 -18.25 -36.69 -11.56
C ASP A 237 -18.74 -37.15 -10.18
N ALA A 238 -18.15 -36.61 -9.12
CA ALA A 238 -18.57 -36.94 -7.75
C ALA A 238 -20.04 -36.56 -7.49
N LYS A 239 -20.39 -35.32 -7.84
CA LYS A 239 -21.77 -34.85 -7.70
C LYS A 239 -22.77 -35.71 -8.49
N ALA A 240 -22.39 -36.13 -9.69
CA ALA A 240 -23.23 -37.04 -10.51
C ALA A 240 -23.47 -38.39 -9.85
N LEU A 241 -22.55 -38.83 -8.98
CA LEU A 241 -22.69 -40.05 -8.21
C LEU A 241 -23.54 -39.87 -6.96
N GLY A 242 -23.88 -38.63 -6.64
CA GLY A 242 -24.68 -38.32 -5.46
C GLY A 242 -23.91 -37.79 -4.27
N CYS A 243 -22.61 -37.52 -4.45
CA CYS A 243 -21.74 -37.02 -3.38
C CYS A 243 -21.89 -35.53 -3.09
N THR A 244 -21.73 -35.18 -1.82
CA THR A 244 -21.59 -33.79 -1.40
C THR A 244 -20.21 -33.34 -1.80
N THR A 245 -20.13 -32.21 -2.51
CA THR A 245 -18.84 -31.66 -3.00
C THR A 245 -18.47 -30.29 -2.45
N LEU A 246 -17.16 -30.06 -2.33
CA LEU A 246 -16.63 -28.78 -1.89
C LEU A 246 -15.59 -28.28 -2.86
N ASP A 247 -15.81 -27.09 -3.38
CA ASP A 247 -14.94 -26.54 -4.41
C ASP A 247 -13.81 -25.63 -3.90
N GLY A 248 -12.78 -25.52 -4.73
CA GLY A 248 -11.55 -24.84 -4.33
C GLY A 248 -11.66 -23.34 -4.29
N LEU A 249 -12.63 -22.80 -5.02
CA LEU A 249 -12.85 -21.34 -5.02
C LEU A 249 -13.41 -20.94 -3.66
N GLY A 250 -14.39 -21.70 -3.16
CA GLY A 250 -14.90 -21.49 -1.81
C GLY A 250 -13.80 -21.55 -0.77
N MET A 251 -12.84 -22.45 -0.98
CA MET A 251 -11.74 -22.61 -0.02
C MET A 251 -10.83 -21.40 -0.01
N LEU A 252 -10.51 -20.88 -1.19
CA LEU A 252 -9.76 -19.63 -1.30
C LEU A 252 -10.50 -18.48 -0.62
N VAL A 253 -11.81 -18.38 -0.83
CA VAL A 253 -12.59 -17.35 -0.16
C VAL A 253 -12.48 -17.50 1.36
N ASN A 254 -12.65 -18.72 1.84
CA ASN A 254 -12.52 -18.97 3.28
C ASN A 254 -11.16 -18.60 3.85
N GLN A 255 -10.12 -18.85 3.07
CA GLN A 255 -8.76 -18.51 3.50
C GLN A 255 -8.60 -17.00 3.65
N GLY A 256 -9.16 -16.25 2.70
CA GLY A 256 -9.17 -14.78 2.79
C GLY A 256 -9.97 -14.28 3.97
N VAL A 257 -11.13 -14.90 4.20
CA VAL A 257 -11.96 -14.54 5.37
C VAL A 257 -11.20 -14.77 6.68
N ILE A 258 -10.61 -15.96 6.83
CA ILE A 258 -9.82 -16.27 8.01
C ILE A 258 -8.65 -15.30 8.22
N GLY A 259 -7.94 -14.99 7.15
CA GLY A 259 -6.80 -14.07 7.22
C GLY A 259 -7.22 -12.69 7.70
N VAL A 260 -8.30 -12.16 7.13
CA VAL A 260 -8.79 -10.85 7.55
C VAL A 260 -9.35 -10.87 8.97
N GLU A 261 -9.97 -11.99 9.37
CA GLU A 261 -10.33 -12.17 10.78
C GLU A 261 -9.10 -12.05 11.69
N ILE A 262 -8.00 -12.68 11.29
CA ILE A 262 -6.74 -12.62 12.06
C ILE A 262 -6.22 -11.18 12.10
N TRP A 263 -6.24 -10.51 10.96
CA TRP A 263 -5.68 -9.16 10.86
C TRP A 263 -6.48 -8.07 11.53
N LEU A 264 -7.81 -8.14 11.38
CA LEU A 264 -8.65 -6.96 11.66
C LEU A 264 -9.85 -7.23 12.52
N GLY A 265 -10.08 -8.49 12.88
CA GLY A 265 -11.24 -8.85 13.71
C GLY A 265 -12.59 -8.64 13.03
N ARG A 266 -12.61 -8.64 11.70
CA ARG A 266 -13.84 -8.55 10.90
C ARG A 266 -13.99 -9.79 10.05
N THR A 267 -15.23 -10.26 9.88
CA THR A 267 -15.56 -11.38 9.00
C THR A 267 -16.13 -10.78 7.72
N LEU A 268 -15.36 -10.83 6.63
CA LEU A 268 -15.81 -10.30 5.34
C LEU A 268 -16.89 -11.18 4.72
N ASP A 269 -17.59 -10.60 3.74
CA ASP A 269 -18.70 -11.26 3.06
C ASP A 269 -18.15 -12.26 2.03
N SER A 270 -18.43 -13.54 2.25
CA SER A 270 -17.98 -14.61 1.34
C SER A 270 -18.58 -14.50 -0.06
N ALA A 271 -19.88 -14.14 -0.14
CA ALA A 271 -20.55 -14.07 -1.45
C ALA A 271 -19.87 -13.10 -2.43
N VAL A 272 -19.53 -11.90 -1.97
CA VAL A 272 -18.91 -10.93 -2.87
C VAL A 272 -17.47 -11.29 -3.20
N MET A 273 -16.79 -11.94 -2.24
CA MET A 273 -15.44 -12.38 -2.50
C MET A 273 -15.44 -13.48 -3.58
N ALA A 274 -16.37 -14.42 -3.44
CA ALA A 274 -16.54 -15.51 -4.39
C ALA A 274 -16.90 -15.03 -5.76
N GLN A 275 -17.88 -14.12 -5.83
CA GLN A 275 -18.30 -13.58 -7.12
C GLN A 275 -17.16 -12.85 -7.82
N THR A 276 -16.32 -12.15 -7.04
CA THR A 276 -15.14 -11.48 -7.58
C THR A 276 -14.18 -12.47 -8.28
N LEU A 277 -13.89 -13.60 -7.61
CA LEU A 277 -13.08 -14.65 -8.21
C LEU A 277 -13.77 -15.31 -9.42
N GLU A 278 -15.08 -15.53 -9.35
CA GLU A 278 -15.81 -16.09 -10.50
C GLU A 278 -15.68 -15.18 -11.72
N ASN A 279 -15.81 -13.87 -11.51
CA ASN A 279 -15.64 -12.90 -12.61
C ASN A 279 -14.22 -12.89 -13.19
N ILE A 280 -13.21 -12.91 -12.31
CA ILE A 280 -11.80 -12.96 -12.72
C ILE A 280 -11.50 -14.21 -13.55
N PHE A 281 -12.01 -15.36 -13.10
CA PHE A 281 -11.75 -16.64 -13.75
C PHE A 281 -12.54 -16.82 -15.06
N GLY A 282 -13.62 -16.07 -15.20
CA GLY A 282 -14.51 -16.16 -16.37
C GLY A 282 -15.41 -17.39 -16.37
N GLY B 5 -3.81 -7.20 -15.06
CA GLY B 5 -3.11 -7.98 -14.01
C GLY B 5 -3.35 -7.38 -12.64
N PHE B 6 -2.60 -7.87 -11.65
CA PHE B 6 -2.87 -7.50 -10.26
C PHE B 6 -1.77 -6.79 -9.50
N ARG B 7 -0.67 -6.49 -10.19
CA ARG B 7 0.38 -5.69 -9.62
C ARG B 7 0.19 -4.27 -10.13
N SER B 8 -0.05 -3.36 -9.18
CA SER B 8 -0.10 -1.94 -9.44
C SER B 8 1.28 -1.33 -9.21
N ILE B 9 1.59 -0.27 -9.95
CA ILE B 9 2.76 0.56 -9.67
C ILE B 9 2.55 1.17 -8.28
N LEU B 10 3.57 1.12 -7.44
CA LEU B 10 3.43 1.56 -6.07
C LEU B 10 4.16 2.89 -5.81
N THR B 11 3.42 3.84 -5.23
CA THR B 11 3.95 5.12 -4.76
C THR B 11 3.34 5.36 -3.37
N GLY B 12 3.74 6.43 -2.68
CA GLY B 12 3.09 6.71 -1.41
C GLY B 12 3.77 7.79 -0.64
N SER B 13 3.51 7.80 0.67
CA SER B 13 4.02 8.87 1.55
C SER B 13 4.33 8.33 2.93
N PHE B 14 5.39 8.91 3.51
CA PHE B 14 5.77 8.67 4.87
C PHE B 14 5.70 10.00 5.61
N SER B 15 4.96 10.00 6.72
CA SER B 15 4.77 11.21 7.54
C SER B 15 4.10 10.80 8.84
N THR B 16 4.18 11.63 9.87
CA THR B 16 3.30 11.45 11.03
C THR B 16 2.91 12.81 11.62
N PRO B 17 1.63 13.04 11.95
CA PRO B 17 0.49 12.20 11.56
C PRO B 17 0.15 12.39 10.09
N CYS B 18 -0.63 11.46 9.52
CA CYS B 18 -0.93 11.48 8.09
C CYS B 18 -2.42 11.48 7.71
N ALA B 19 -3.30 11.33 8.69
CA ALA B 19 -4.75 11.20 8.44
C ALA B 19 -5.38 12.43 7.77
N ASP B 20 -4.81 13.62 8.01
CA ASP B 20 -5.34 14.85 7.42
C ASP B 20 -4.84 15.18 6.00
N ASN B 21 -3.91 14.38 5.50
CA ASN B 21 -3.29 14.66 4.21
C ASN B 21 -4.08 14.07 3.04
N PRO B 22 -4.63 14.92 2.15
CA PRO B 22 -5.47 14.48 1.05
C PRO B 22 -4.74 14.07 -0.23
N THR B 23 -3.41 14.13 -0.22
CA THR B 23 -2.61 13.86 -1.41
C THR B 23 -3.03 12.51 -2.04
N VAL B 24 -3.25 11.49 -1.22
CA VAL B 24 -3.67 10.16 -1.72
C VAL B 24 -4.89 10.25 -2.65
N ALA B 25 -5.92 10.96 -2.21
CA ALA B 25 -7.15 11.11 -3.00
C ALA B 25 -6.93 11.87 -4.31
N MET B 26 -6.15 12.95 -4.21
CA MET B 26 -5.82 13.78 -5.36
C MET B 26 -5.00 13.01 -6.39
N VAL B 27 -3.88 12.42 -5.96
CA VAL B 27 -3.02 11.64 -6.86
C VAL B 27 -3.74 10.45 -7.48
N GLU B 28 -4.56 9.73 -6.71
CA GLU B 28 -5.22 8.55 -7.23
C GLU B 28 -6.29 8.89 -8.23
N ALA B 29 -6.99 10.00 -8.01
CA ALA B 29 -7.90 10.54 -9.03
C ALA B 29 -7.15 10.86 -10.33
N GLY B 30 -5.95 11.43 -10.23
CA GLY B 30 -5.08 11.62 -11.41
C GLY B 30 -4.66 10.33 -12.09
N TYR B 31 -4.28 9.33 -11.28
CA TYR B 31 -3.94 8.02 -11.81
C TYR B 31 -5.09 7.37 -12.58
N HIS B 32 -6.27 7.42 -11.96
CA HIS B 32 -7.49 6.85 -12.53
C HIS B 32 -7.85 7.47 -13.88
N HIS B 33 -7.85 8.81 -13.91
CA HIS B 33 -8.17 9.54 -15.14
C HIS B 33 -7.18 9.18 -16.28
N ALA B 34 -5.89 9.04 -15.95
CA ALA B 34 -4.84 8.75 -16.93
C ALA B 34 -4.76 7.27 -17.35
N GLY B 35 -5.61 6.42 -16.76
CA GLY B 35 -5.63 4.98 -17.07
C GLY B 35 -4.45 4.22 -16.49
N LEU B 36 -3.85 4.78 -15.44
CA LEU B 36 -2.63 4.23 -14.87
C LEU B 36 -2.97 3.31 -13.74
N ASP B 37 -2.49 2.07 -13.80
CA ASP B 37 -2.65 1.13 -12.68
C ASP B 37 -1.54 1.39 -11.68
N ALA B 38 -1.78 2.45 -10.90
CA ALA B 38 -0.84 2.92 -9.89
C ALA B 38 -1.61 3.23 -8.64
N ARG B 39 -0.92 3.13 -7.50
CA ARG B 39 -1.54 3.39 -6.20
C ARG B 39 -0.63 4.28 -5.39
N TYR B 40 -1.23 5.11 -4.53
CA TYR B 40 -0.49 5.97 -3.62
C TYR B 40 -0.86 5.54 -2.20
N ILE B 41 0.15 5.05 -1.49
CA ILE B 41 -0.03 4.50 -0.15
C ILE B 41 0.36 5.51 0.95
N ASN B 42 -0.65 6.00 1.68
CA ASN B 42 -0.44 7.01 2.73
C ASN B 42 -0.10 6.32 4.08
N CYS B 43 1.18 6.33 4.46
CA CYS B 43 1.61 5.61 5.66
C CYS B 43 1.97 6.55 6.81
N ASP B 44 1.56 6.14 8.02
CA ASP B 44 1.95 6.84 9.22
C ASP B 44 3.27 6.24 9.70
N VAL B 45 4.36 6.98 9.48
CA VAL B 45 5.70 6.51 9.77
C VAL B 45 6.30 7.41 10.83
N LYS B 46 6.70 6.80 11.95
CA LYS B 46 7.35 7.55 13.03
C LYS B 46 8.83 7.75 12.71
N ALA B 47 9.43 8.77 13.32
CA ALA B 47 10.85 9.05 13.08
C ALA B 47 11.73 7.80 13.28
N SER B 48 11.44 7.02 14.33
CA SER B 48 12.16 5.77 14.58
C SER B 48 11.99 4.72 13.49
N GLY B 49 10.96 4.88 12.66
CA GLY B 49 10.66 3.91 11.60
C GLY B 49 11.04 4.36 10.20
N LEU B 50 11.54 5.58 10.04
CA LEU B 50 11.83 6.09 8.70
C LEU B 50 12.83 5.25 7.90
N ALA B 51 13.97 4.88 8.51
CA ALA B 51 14.98 4.10 7.82
C ALA B 51 14.38 2.76 7.32
N ASP B 52 13.63 2.06 8.18
CA ASP B 52 12.99 0.80 7.78
C ASP B 52 11.86 1.00 6.75
N ALA B 53 11.17 2.15 6.80
CA ALA B 53 10.13 2.42 5.79
C ALA B 53 10.75 2.66 4.40
N VAL B 54 11.88 3.36 4.39
CA VAL B 54 12.60 3.62 3.16
C VAL B 54 13.11 2.30 2.54
N LYS B 55 13.75 1.46 3.36
CA LYS B 55 14.23 0.16 2.92
C LYS B 55 13.05 -0.73 2.48
N GLY B 56 11.92 -0.58 3.16
CA GLY B 56 10.66 -1.24 2.79
C GLY B 56 10.16 -0.86 1.40
N ALA B 57 10.14 0.44 1.11
CA ALA B 57 9.70 0.90 -0.23
C ALA B 57 10.62 0.34 -1.32
N LYS B 58 11.94 0.32 -1.06
CA LYS B 58 12.89 -0.28 -2.01
C LYS B 58 12.59 -1.78 -2.21
N ALA B 59 12.38 -2.52 -1.12
CA ALA B 59 12.16 -3.98 -1.18
C ALA B 59 10.82 -4.35 -1.80
N MET B 60 9.84 -3.45 -1.63
CA MET B 60 8.49 -3.65 -2.20
C MET B 60 8.41 -3.09 -3.60
N GLU B 61 9.53 -2.56 -4.09
CA GLU B 61 9.69 -2.08 -5.47
C GLU B 61 8.75 -0.92 -5.84
N TRP B 62 8.53 -0.03 -4.88
CA TRP B 62 7.92 1.26 -5.20
C TRP B 62 8.80 2.05 -6.16
N VAL B 63 8.17 2.99 -6.86
CA VAL B 63 8.88 3.85 -7.83
C VAL B 63 9.17 5.24 -7.29
N GLY B 64 8.54 5.58 -6.16
CA GLY B 64 8.79 6.84 -5.49
C GLY B 64 7.95 6.99 -4.26
N PHE B 65 8.32 7.94 -3.43
CA PHE B 65 7.49 8.33 -2.27
C PHE B 65 7.68 9.78 -1.88
N ASN B 66 6.68 10.33 -1.24
CA ASN B 66 6.79 11.64 -0.60
C ASN B 66 7.18 11.49 0.85
N CYS B 67 7.85 12.52 1.36
CA CYS B 67 8.02 12.67 2.82
C CYS B 67 7.43 13.99 3.20
N SER B 68 6.69 13.98 4.30
CA SER B 68 6.19 15.21 4.93
C SER B 68 6.72 15.22 6.36
N LEU B 69 6.25 16.17 7.19
CA LEU B 69 6.61 16.24 8.61
C LEU B 69 6.49 14.86 9.28
N PRO B 70 7.49 14.40 10.05
CA PRO B 70 8.69 15.16 10.43
C PRO B 70 9.97 14.68 9.71
N HIS B 71 9.83 14.22 8.46
CA HIS B 71 10.89 13.45 7.82
C HIS B 71 11.73 14.15 6.77
N LYS B 72 11.44 15.42 6.48
CA LYS B 72 12.07 16.05 5.30
C LYS B 72 13.58 16.28 5.33
N VAL B 73 14.14 16.43 6.52
CA VAL B 73 15.57 16.61 6.68
C VAL B 73 16.20 15.24 6.96
N ALA B 74 15.54 14.48 7.81
CA ALA B 74 15.98 13.14 8.19
C ALA B 74 16.15 12.22 7.00
N VAL B 75 15.31 12.36 5.97
CA VAL B 75 15.39 11.48 4.79
C VAL B 75 16.72 11.66 4.02
N LEU B 76 17.38 12.80 4.18
CA LEU B 76 18.66 13.04 3.48
C LEU B 76 19.69 11.96 3.74
N ASP B 77 19.64 11.38 4.94
CA ASP B 77 20.55 10.31 5.39
C ASP B 77 20.38 9.03 4.60
N HIS B 78 19.28 8.92 3.84
CA HIS B 78 18.92 7.70 3.11
C HIS B 78 19.00 7.85 1.59
N LEU B 79 19.47 9.00 1.12
CA LEU B 79 19.52 9.28 -0.32
C LEU B 79 20.83 8.89 -0.98
N ASP B 80 20.75 8.45 -2.23
CA ASP B 80 21.93 8.18 -3.06
C ASP B 80 22.34 9.41 -3.88
N ASP B 81 21.37 10.28 -4.14
CA ASP B 81 21.60 11.51 -4.88
C ASP B 81 20.50 12.50 -4.52
N ILE B 82 20.71 13.74 -4.91
CA ILE B 82 19.83 14.86 -4.54
C ILE B 82 19.86 15.87 -5.66
N ALA B 83 18.68 16.34 -6.06
CA ALA B 83 18.53 17.36 -7.11
C ALA B 83 18.95 18.74 -6.62
N GLU B 84 19.13 19.66 -7.57
CA GLU B 84 19.73 21.00 -7.36
C GLU B 84 19.03 21.85 -6.30
N SER B 85 17.73 22.07 -6.46
CA SER B 85 17.01 22.90 -5.49
C SER B 85 16.95 22.23 -4.11
N ALA B 86 16.77 20.91 -4.07
CA ALA B 86 16.77 20.18 -2.79
C ALA B 86 18.09 20.28 -2.04
N ARG B 87 19.21 20.20 -2.77
CA ARG B 87 20.54 20.32 -2.18
C ARG B 87 20.67 21.70 -1.52
N LEU B 88 20.20 22.73 -2.22
CA LEU B 88 20.22 24.10 -1.69
C LEU B 88 19.32 24.29 -0.47
N ILE B 89 18.10 23.76 -0.55
CA ILE B 89 17.11 23.87 0.51
C ILE B 89 17.51 23.08 1.76
N GLY B 90 18.10 21.90 1.53
CA GLY B 90 18.53 21.03 2.63
C GLY B 90 17.37 20.22 3.20
N ALA B 91 16.37 19.98 2.36
CA ALA B 91 15.25 19.14 2.71
C ALA B 91 14.68 18.56 1.42
N VAL B 92 14.08 17.38 1.57
CA VAL B 92 13.52 16.60 0.47
C VAL B 92 12.12 16.13 0.84
N ASN B 93 11.18 16.30 -0.08
CA ASN B 93 9.80 15.83 0.11
C ASN B 93 9.33 14.84 -0.96
N CYS B 94 10.17 14.58 -1.97
CA CYS B 94 9.80 13.74 -3.10
C CYS B 94 11.02 12.94 -3.52
N VAL B 95 10.91 11.62 -3.42
CA VAL B 95 12.05 10.72 -3.64
C VAL B 95 11.69 9.78 -4.79
N ALA B 96 12.54 9.71 -5.81
CA ALA B 96 12.38 8.73 -6.87
C ALA B 96 13.26 7.52 -6.63
N ILE B 97 12.71 6.33 -6.90
CA ILE B 97 13.44 5.06 -6.79
C ILE B 97 13.71 4.55 -8.20
N ARG B 98 14.99 4.56 -8.57
CA ARG B 98 15.48 4.10 -9.88
C ARG B 98 16.62 3.09 -9.69
N GLU B 99 16.43 1.85 -10.16
CA GLU B 99 17.39 0.73 -9.99
C GLU B 99 17.87 0.49 -8.54
N GLY B 100 16.98 0.75 -7.58
CA GLY B 100 17.34 0.67 -6.17
C GLY B 100 18.12 1.88 -5.65
N LYS B 101 18.21 2.94 -6.45
CA LYS B 101 18.82 4.20 -6.04
C LYS B 101 17.71 5.18 -5.72
N LEU B 102 17.92 5.91 -4.62
CA LEU B 102 17.00 6.93 -4.11
C LEU B 102 17.52 8.31 -4.48
N ILE B 103 16.74 9.04 -5.27
CA ILE B 103 17.10 10.38 -5.71
C ILE B 103 16.12 11.36 -5.07
N GLY B 104 16.62 12.29 -4.28
CA GLY B 104 15.75 13.23 -3.54
C GLY B 104 15.52 14.54 -4.27
N HIS B 105 14.27 14.98 -4.26
CA HIS B 105 13.83 16.22 -4.87
C HIS B 105 13.05 17.04 -3.85
N ASN B 106 12.94 18.34 -4.11
CA ASN B 106 12.10 19.20 -3.28
C ASN B 106 11.11 19.92 -4.17
N THR B 107 9.82 19.72 -3.91
CA THR B 107 8.77 20.35 -4.72
C THR B 107 7.95 21.39 -3.94
N ASP B 108 8.30 21.66 -2.69
CA ASP B 108 7.60 22.63 -1.82
C ASP B 108 7.55 24.06 -2.34
N GLY B 109 8.50 24.41 -3.20
CA GLY B 109 8.44 25.70 -3.90
C GLY B 109 8.06 25.59 -5.36
N LYS B 110 8.10 24.38 -5.92
CA LYS B 110 7.83 24.17 -7.36
C LYS B 110 6.33 24.20 -7.66
N GLY B 111 5.51 23.79 -6.71
CA GLY B 111 4.04 23.92 -6.82
C GLY B 111 3.68 25.38 -7.00
N PHE B 112 4.21 26.21 -6.09
CA PHE B 112 4.06 27.66 -6.17
C PHE B 112 4.56 28.24 -7.48
N LEU B 113 5.76 27.86 -7.90
CA LEU B 113 6.32 28.41 -9.13
C LEU B 113 5.45 28.07 -10.33
N ALA B 114 4.96 26.84 -10.42
CA ALA B 114 3.99 26.49 -11.47
C ALA B 114 2.74 27.35 -11.44
N SER B 115 2.17 27.55 -10.26
CA SER B 115 1.02 28.47 -10.13
C SER B 115 1.37 29.88 -10.58
N LEU B 116 2.53 30.35 -10.15
CA LEU B 116 2.97 31.70 -10.49
C LEU B 116 3.06 31.86 -12.01
N LYS B 117 3.62 30.87 -12.68
CA LYS B 117 3.82 30.95 -14.12
C LYS B 117 2.53 31.11 -14.93
N THR B 118 1.37 30.78 -14.33
CA THR B 118 0.06 31.04 -14.96
C THR B 118 -0.28 32.53 -15.07
N VAL B 119 0.34 33.36 -14.21
CA VAL B 119 0.03 34.79 -14.22
C VAL B 119 1.20 35.70 -14.57
N THR B 120 2.41 35.24 -14.35
CA THR B 120 3.59 36.07 -14.63
C THR B 120 4.88 35.26 -14.63
N SER B 121 5.97 35.88 -15.08
CA SER B 121 7.27 35.26 -15.02
C SER B 121 7.98 35.65 -13.72
N PRO B 122 8.69 34.70 -13.07
CA PRO B 122 9.45 35.09 -11.87
C PRO B 122 10.72 35.91 -12.15
N ALA B 123 11.18 35.89 -13.41
CA ALA B 123 12.46 36.52 -13.78
C ALA B 123 12.43 38.04 -13.55
N GLY B 124 13.45 38.54 -12.86
CA GLY B 124 13.58 39.97 -12.60
C GLY B 124 12.65 40.54 -11.54
N LYS B 125 11.87 39.68 -10.89
CA LYS B 125 10.84 40.16 -9.97
C LYS B 125 11.36 40.46 -8.57
N ARG B 126 10.63 41.32 -7.89
CA ARG B 126 10.87 41.68 -6.51
C ARG B 126 9.75 41.08 -5.72
N VAL B 127 10.13 40.26 -4.75
CA VAL B 127 9.21 39.35 -4.06
C VAL B 127 9.30 39.57 -2.56
N VAL B 128 8.15 39.56 -1.88
CA VAL B 128 8.11 39.54 -0.40
C VAL B 128 7.47 38.24 0.06
N ILE B 129 8.15 37.54 0.96
CA ILE B 129 7.66 36.24 1.50
C ILE B 129 7.39 36.47 2.99
N LEU B 130 6.15 36.26 3.41
CA LEU B 130 5.81 36.36 4.83
C LEU B 130 6.07 35.02 5.47
N GLY B 131 6.91 35.04 6.50
CA GLY B 131 7.34 33.83 7.18
C GLY B 131 8.66 33.27 6.69
N ALA B 132 9.40 32.64 7.60
CA ALA B 132 10.65 31.95 7.26
C ALA B 132 10.51 30.46 7.46
N GLY B 133 9.33 30.04 7.92
CA GLY B 133 9.03 28.65 8.20
C GLY B 133 8.33 28.01 7.02
N GLY B 134 8.07 26.71 7.14
CA GLY B 134 7.34 25.96 6.12
C GLY B 134 8.05 25.97 4.79
N ALA B 135 7.32 26.33 3.75
CA ALA B 135 7.89 26.31 2.41
C ALA B 135 8.60 27.62 2.06
N ALA B 136 8.78 28.53 3.02
CA ALA B 136 9.41 29.83 2.70
C ALA B 136 10.82 29.68 2.09
N ARG B 137 11.64 28.81 2.66
CA ARG B 137 12.96 28.52 2.10
C ARG B 137 12.90 27.89 0.72
N ALA B 138 12.03 26.89 0.54
CA ALA B 138 11.88 26.25 -0.77
C ALA B 138 11.40 27.27 -1.80
N ILE B 139 10.40 28.07 -1.44
CA ILE B 139 9.87 29.10 -2.35
C ILE B 139 10.96 30.13 -2.71
N ALA B 140 11.73 30.59 -1.71
CA ALA B 140 12.84 31.51 -1.96
C ALA B 140 13.88 30.96 -2.92
N VAL B 141 14.29 29.71 -2.69
CA VAL B 141 15.25 29.04 -3.58
C VAL B 141 14.69 28.88 -5.00
N GLU B 142 13.44 28.41 -5.15
CA GLU B 142 12.89 28.19 -6.47
C GLU B 142 12.77 29.48 -7.27
N LEU B 143 12.36 30.55 -6.59
CA LEU B 143 12.28 31.89 -7.21
C LEU B 143 13.66 32.33 -7.67
N ALA B 144 14.65 32.13 -6.82
CA ALA B 144 16.01 32.59 -7.11
C ALA B 144 16.59 31.85 -8.30
N LEU B 145 16.38 30.53 -8.32
CA LEU B 145 16.85 29.69 -9.44
C LEU B 145 16.13 30.00 -10.75
N ALA B 146 14.88 30.47 -10.66
CA ALA B 146 14.11 30.88 -11.85
C ALA B 146 14.32 32.35 -12.25
N GLY B 147 15.24 33.03 -11.58
CA GLY B 147 15.73 34.34 -12.01
C GLY B 147 15.15 35.53 -11.30
N ALA B 148 14.50 35.33 -10.16
CA ALA B 148 13.99 36.48 -9.40
C ALA B 148 15.12 37.43 -9.06
N ALA B 149 14.82 38.73 -8.96
CA ALA B 149 15.85 39.73 -8.72
C ALA B 149 16.11 39.99 -7.24
N HIS B 150 15.05 40.01 -6.44
CA HIS B 150 15.15 40.46 -5.08
C HIS B 150 14.07 39.78 -4.27
N ILE B 151 14.48 39.18 -3.16
CA ILE B 151 13.56 38.39 -2.33
C ILE B 151 13.74 38.82 -0.89
N THR B 152 12.67 39.37 -0.31
CA THR B 152 12.63 39.79 1.08
C THR B 152 11.91 38.73 1.89
N ILE B 153 12.55 38.25 2.95
CA ILE B 153 11.93 37.26 3.84
C ILE B 153 11.62 37.97 5.16
N VAL B 154 10.34 38.01 5.48
CA VAL B 154 9.82 38.73 6.65
C VAL B 154 9.48 37.69 7.73
N ASN B 155 10.07 37.81 8.92
CA ASN B 155 9.80 36.83 10.00
C ASN B 155 9.93 37.46 11.38
N ARG B 156 9.15 36.99 12.37
CA ARG B 156 9.28 37.53 13.75
C ARG B 156 10.67 37.22 14.32
N ASP B 157 11.10 35.96 14.20
CA ASP B 157 12.48 35.55 14.48
C ASP B 157 13.34 35.96 13.28
N ALA B 158 13.95 37.14 13.40
CA ALA B 158 14.75 37.73 12.31
C ALA B 158 15.90 36.84 11.87
N SER B 159 16.52 36.12 12.81
CA SER B 159 17.65 35.22 12.52
C SER B 159 17.31 34.11 11.49
N LYS B 160 16.07 33.63 11.52
CA LYS B 160 15.58 32.60 10.60
C LYS B 160 15.43 33.16 9.18
N ALA B 161 14.96 34.41 9.07
CA ALA B 161 14.92 35.14 7.79
C ALA B 161 16.32 35.43 7.26
N GLU B 162 17.23 35.84 8.15
CA GLU B 162 18.63 36.06 7.79
C GLU B 162 19.33 34.82 7.19
N THR B 163 19.04 33.63 7.73
CA THR B 163 19.59 32.40 7.17
C THR B 163 19.14 32.21 5.71
N ILE B 164 17.86 32.44 5.46
CA ILE B 164 17.30 32.28 4.10
C ILE B 164 17.86 33.34 3.16
N ALA B 165 17.88 34.59 3.64
CA ALA B 165 18.52 35.70 2.91
C ALA B 165 19.98 35.43 2.51
N ALA B 166 20.77 34.85 3.44
CA ALA B 166 22.18 34.50 3.19
C ALA B 166 22.31 33.40 2.16
N LEU B 167 21.42 32.41 2.25
CA LEU B 167 21.38 31.33 1.26
C LEU B 167 21.19 31.86 -0.17
N ILE B 168 20.21 32.77 -0.32
CA ILE B 168 19.93 33.42 -1.61
C ILE B 168 21.16 34.20 -2.11
N ASN B 169 21.74 35.03 -1.25
CA ASN B 169 22.89 35.83 -1.63
C ASN B 169 24.15 35.04 -1.95
N ASP B 170 24.38 33.97 -1.18
CA ASP B 170 25.62 33.22 -1.24
C ASP B 170 25.64 32.18 -2.36
N LYS B 171 24.46 31.64 -2.66
CA LYS B 171 24.38 30.48 -3.53
C LYS B 171 23.55 30.66 -4.81
N THR B 172 23.02 31.87 -5.01
CA THR B 172 22.21 32.16 -6.19
C THR B 172 22.57 33.55 -6.72
N GLU B 173 21.97 33.91 -7.85
CA GLU B 173 22.16 35.19 -8.51
C GLU B 173 21.22 36.30 -7.95
N ALA B 174 20.17 35.89 -7.23
CA ALA B 174 19.19 36.83 -6.66
C ALA B 174 19.73 37.49 -5.42
N THR B 175 19.14 38.62 -5.07
CA THR B 175 19.46 39.31 -3.84
C THR B 175 18.47 38.90 -2.76
N GLY B 176 19.01 38.55 -1.60
CA GLY B 176 18.22 38.21 -0.42
C GLY B 176 18.27 39.32 0.61
N GLU B 177 17.12 39.60 1.23
CA GLU B 177 17.04 40.56 2.31
C GLU B 177 16.14 40.02 3.40
N ALA B 178 16.60 40.12 4.64
CA ALA B 178 15.81 39.76 5.82
C ALA B 178 15.15 40.97 6.46
N GLN B 179 13.94 40.76 6.97
CA GLN B 179 13.16 41.82 7.62
C GLN B 179 12.48 41.29 8.89
N ALA B 180 12.71 41.98 10.00
CA ALA B 180 12.09 41.61 11.24
C ALA B 180 10.64 42.08 11.22
N TRP B 181 9.74 41.14 11.50
CA TRP B 181 8.30 41.39 11.49
C TRP B 181 7.90 41.90 12.85
N SER B 182 7.35 43.11 12.87
CA SER B 182 6.83 43.72 14.11
C SER B 182 5.46 44.34 13.80
N GLY B 183 4.50 43.47 13.46
CA GLY B 183 3.15 43.88 13.08
C GLY B 183 3.05 44.39 11.64
N LYS B 184 1.95 45.10 11.36
CA LYS B 184 1.66 45.72 10.07
C LYS B 184 2.84 46.53 9.54
N PHE B 185 3.19 46.30 8.28
CA PHE B 185 4.18 47.13 7.60
C PHE B 185 3.75 47.44 6.17
N SER B 186 4.33 48.49 5.60
CA SER B 186 4.07 48.86 4.21
C SER B 186 4.99 48.10 3.26
N LEU B 187 4.40 47.55 2.21
CA LEU B 187 5.16 46.92 1.13
C LEU B 187 5.87 47.97 0.30
N PRO B 188 7.10 47.65 -0.15
CA PRO B 188 7.72 48.48 -1.18
C PRO B 188 6.83 48.61 -2.43
N THR B 189 6.82 49.80 -3.00
CA THR B 189 5.95 50.10 -4.15
C THR B 189 6.23 49.24 -5.38
N GLY B 190 7.43 48.68 -5.47
CA GLY B 190 7.80 47.85 -6.61
C GLY B 190 7.55 46.37 -6.36
N THR B 191 6.92 46.03 -5.23
CA THR B 191 6.69 44.60 -4.91
C THR B 191 5.79 43.96 -5.96
N ASP B 192 6.35 42.96 -6.65
CA ASP B 192 5.65 42.28 -7.73
C ASP B 192 4.82 41.09 -7.23
N ILE B 193 5.32 40.42 -6.20
CA ILE B 193 4.71 39.17 -5.75
C ILE B 193 4.80 39.18 -4.22
N LEU B 194 3.67 38.95 -3.54
CA LEU B 194 3.57 38.85 -2.09
C LEU B 194 3.03 37.46 -1.79
N ILE B 195 3.74 36.72 -0.95
CA ILE B 195 3.43 35.32 -0.65
C ILE B 195 3.33 35.12 0.85
N ASN B 196 2.19 34.61 1.28
CA ASN B 196 2.08 34.09 2.64
C ASN B 196 2.59 32.66 2.73
N ALA B 197 3.71 32.48 3.45
CA ALA B 197 4.25 31.15 3.76
C ALA B 197 4.12 30.75 5.23
N THR B 198 3.34 31.54 5.98
CA THR B 198 3.01 31.20 7.36
C THR B 198 1.79 30.25 7.41
N SER B 199 1.46 29.79 8.62
CA SER B 199 0.21 29.05 8.83
C SER B 199 -0.93 29.95 9.34
N ILE B 200 -0.76 31.27 9.23
CA ILE B 200 -1.77 32.23 9.68
C ILE B 200 -2.93 32.28 8.70
N GLY B 201 -4.06 31.71 9.13
CA GLY B 201 -5.21 31.49 8.26
C GLY B 201 -5.52 30.03 7.98
N LEU B 202 -4.64 29.12 8.43
CA LEU B 202 -4.77 27.67 8.22
C LEU B 202 -5.95 27.12 9.02
N GLY B 203 -6.95 26.64 8.29
CA GLY B 203 -8.23 26.18 8.86
C GLY B 203 -8.92 27.22 9.72
N ASP B 204 -8.72 28.49 9.39
CA ASP B 204 -9.25 29.63 10.17
C ASP B 204 -9.50 30.88 9.32
N PRO B 205 -10.76 31.07 8.86
CA PRO B 205 -11.18 32.38 8.33
C PRO B 205 -11.07 33.52 9.37
N ASN B 206 -10.96 34.76 8.89
CA ASN B 206 -10.69 35.97 9.72
C ASN B 206 -9.26 36.11 10.30
N ALA B 207 -8.48 35.03 10.33
CA ALA B 207 -7.03 35.13 10.61
C ALA B 207 -6.30 35.42 9.30
N ALA B 208 -5.49 36.47 9.32
CA ALA B 208 -4.64 36.88 8.18
C ALA B 208 -3.28 37.35 8.72
N PRO B 209 -2.19 37.20 7.93
CA PRO B 209 -0.90 37.77 8.30
C PRO B 209 -0.95 39.31 8.37
N PRO B 210 -0.31 39.93 9.39
CA PRO B 210 -0.31 41.38 9.51
C PRO B 210 0.61 42.11 8.51
N VAL B 211 -0.01 42.75 7.52
CA VAL B 211 0.67 43.59 6.52
C VAL B 211 -0.35 44.67 6.12
N GLU B 212 0.15 45.83 5.69
CA GLU B 212 -0.69 46.95 5.25
C GLU B 212 -1.29 46.70 3.87
N MET B 213 -2.52 46.20 3.84
CA MET B 213 -3.30 45.98 2.60
C MET B 213 -3.29 47.16 1.65
N GLY B 214 -3.33 48.36 2.22
CA GLY B 214 -3.32 49.58 1.43
C GLY B 214 -2.06 49.83 0.64
N SER B 215 -1.00 49.07 0.96
CA SER B 215 0.28 49.22 0.26
C SER B 215 0.40 48.30 -0.97
N LEU B 216 -0.63 47.48 -1.18
CA LEU B 216 -0.78 46.71 -2.40
C LEU B 216 -1.09 47.62 -3.59
N THR B 217 -0.70 47.14 -4.75
CA THR B 217 -1.11 47.73 -6.03
C THR B 217 -1.92 46.70 -6.84
N LYS B 218 -2.64 47.20 -7.85
CA LYS B 218 -3.35 46.38 -8.84
C LYS B 218 -2.46 45.32 -9.47
N GLU B 219 -1.18 45.66 -9.57
CA GLU B 219 -0.15 44.87 -10.25
C GLU B 219 0.49 43.78 -9.38
N THR B 220 0.35 43.91 -8.05
CA THR B 220 0.89 42.91 -7.09
C THR B 220 0.13 41.58 -7.20
N VAL B 221 0.85 40.49 -7.42
CA VAL B 221 0.28 39.14 -7.40
C VAL B 221 0.40 38.66 -5.95
N VAL B 222 -0.74 38.28 -5.35
CA VAL B 222 -0.77 37.89 -3.95
C VAL B 222 -1.06 36.39 -3.87
N ALA B 223 -0.19 35.64 -3.21
CA ALA B 223 -0.27 34.20 -3.13
C ALA B 223 -0.29 33.70 -1.70
N ASP B 224 -0.94 32.56 -1.49
CA ASP B 224 -1.02 31.96 -0.17
C ASP B 224 -0.79 30.46 -0.28
N VAL B 225 0.15 29.94 0.52
CA VAL B 225 0.42 28.50 0.53
C VAL B 225 -0.67 27.66 1.19
N ILE B 226 -1.49 28.26 2.05
CA ILE B 226 -2.52 27.52 2.76
C ILE B 226 -3.50 26.84 1.79
N PRO B 227 -3.66 25.49 1.87
CA PRO B 227 -4.59 24.82 0.95
C PRO B 227 -6.05 24.80 1.42
N ASN B 228 -6.28 24.97 2.72
CA ASN B 228 -7.60 24.86 3.36
C ASN B 228 -7.76 25.89 4.50
N PRO B 229 -8.66 26.86 4.35
CA PRO B 229 -9.48 27.06 3.14
C PRO B 229 -8.65 27.61 1.98
N PRO B 230 -8.97 27.22 0.72
CA PRO B 230 -8.24 27.80 -0.42
C PRO B 230 -8.37 29.34 -0.50
N GLN B 231 -9.56 29.86 -0.23
CA GLN B 231 -9.74 31.32 -0.21
C GLN B 231 -9.63 31.82 1.22
N THR B 232 -8.40 32.04 1.64
CA THR B 232 -8.06 32.59 2.95
C THR B 232 -8.56 34.04 3.07
N ARG B 233 -8.67 34.57 4.30
CA ARG B 233 -9.01 35.99 4.48
C ARG B 233 -7.99 36.91 3.78
N PHE B 234 -6.71 36.53 3.86
CA PHE B 234 -5.63 37.21 3.13
C PHE B 234 -5.99 37.39 1.65
N LEU B 235 -6.31 36.28 0.98
CA LEU B 235 -6.60 36.33 -0.45
C LEU B 235 -7.89 37.04 -0.77
N LYS B 236 -8.89 36.90 0.10
CA LYS B 236 -10.17 37.59 -0.10
C LYS B 236 -9.97 39.11 0.02
N ASP B 237 -9.14 39.52 0.99
CA ASP B 237 -8.78 40.93 1.16
C ASP B 237 -7.99 41.46 -0.05
N ALA B 238 -7.03 40.67 -0.52
CA ALA B 238 -6.29 41.05 -1.73
C ALA B 238 -7.16 41.13 -2.99
N LYS B 239 -8.11 40.21 -3.12
CA LYS B 239 -9.05 40.20 -4.25
C LYS B 239 -9.92 41.46 -4.24
N ALA B 240 -10.35 41.86 -3.03
CA ALA B 240 -11.22 43.01 -2.83
C ALA B 240 -10.54 44.31 -3.26
N LEU B 241 -9.21 44.31 -3.20
CA LEU B 241 -8.41 45.44 -3.67
C LEU B 241 -7.95 45.31 -5.13
N GLY B 242 -8.48 44.30 -5.83
CA GLY B 242 -8.25 44.11 -7.26
C GLY B 242 -7.02 43.32 -7.67
N CYS B 243 -6.36 42.68 -6.71
CA CYS B 243 -5.13 41.93 -6.97
C CYS B 243 -5.45 40.54 -7.55
N THR B 244 -4.56 40.11 -8.44
CA THR B 244 -4.57 38.73 -8.93
C THR B 244 -4.05 37.84 -7.80
N THR B 245 -4.79 36.78 -7.51
CA THR B 245 -4.47 35.90 -6.39
C THR B 245 -4.23 34.48 -6.85
N LEU B 246 -3.38 33.80 -6.10
CA LEU B 246 -3.05 32.41 -6.32
C LEU B 246 -3.20 31.65 -5.00
N ASP B 247 -4.07 30.65 -5.00
CA ASP B 247 -4.35 29.87 -3.76
C ASP B 247 -3.48 28.62 -3.53
N GLY B 248 -3.49 28.14 -2.29
CA GLY B 248 -2.67 27.01 -1.89
C GLY B 248 -3.13 25.67 -2.43
N LEU B 249 -4.40 25.59 -2.84
CA LEU B 249 -4.96 24.35 -3.42
C LEU B 249 -4.31 24.05 -4.77
N GLY B 250 -4.30 25.06 -5.64
CA GLY B 250 -3.62 24.95 -6.93
C GLY B 250 -2.15 24.62 -6.77
N MET B 251 -1.51 25.16 -5.74
CA MET B 251 -0.08 24.86 -5.50
C MET B 251 0.14 23.39 -5.13
N LEU B 252 -0.74 22.84 -4.30
CA LEU B 252 -0.69 21.43 -3.88
C LEU B 252 -0.94 20.52 -5.09
N VAL B 253 -1.95 20.86 -5.90
CA VAL B 253 -2.16 20.17 -7.16
C VAL B 253 -0.89 20.13 -8.01
N ASN B 254 -0.25 21.29 -8.17
CA ASN B 254 0.98 21.37 -8.95
C ASN B 254 2.12 20.53 -8.37
N GLN B 255 2.25 20.52 -7.05
CA GLN B 255 3.17 19.61 -6.36
C GLN B 255 2.95 18.15 -6.70
N GLY B 256 1.67 17.74 -6.74
CA GLY B 256 1.29 16.38 -7.08
C GLY B 256 1.65 16.03 -8.52
N VAL B 257 1.35 16.95 -9.44
CA VAL B 257 1.69 16.78 -10.87
C VAL B 257 3.20 16.61 -11.03
N ILE B 258 3.97 17.54 -10.45
CA ILE B 258 5.44 17.53 -10.52
C ILE B 258 6.04 16.26 -9.92
N GLY B 259 5.56 15.86 -8.75
CA GLY B 259 5.97 14.60 -8.15
C GLY B 259 5.74 13.36 -9.01
N VAL B 260 4.56 13.24 -9.62
CA VAL B 260 4.27 12.09 -10.48
C VAL B 260 5.09 12.14 -11.77
N GLU B 261 5.30 13.33 -12.32
CA GLU B 261 6.24 13.49 -13.45
C GLU B 261 7.62 12.95 -13.08
N ILE B 262 8.10 13.28 -11.88
CA ILE B 262 9.38 12.78 -11.37
C ILE B 262 9.38 11.26 -11.25
N TRP B 263 8.29 10.70 -10.75
CA TRP B 263 8.19 9.27 -10.53
C TRP B 263 7.95 8.42 -11.76
N LEU B 264 7.02 8.87 -12.59
CA LEU B 264 6.45 8.05 -13.67
C LEU B 264 6.71 8.65 -15.06
N GLY B 265 7.11 9.93 -15.12
CA GLY B 265 7.28 10.63 -16.40
C GLY B 265 5.98 10.79 -17.16
N ARG B 266 4.89 10.87 -16.40
CA ARG B 266 3.55 11.17 -16.90
C ARG B 266 2.97 12.40 -16.21
N THR B 267 2.31 13.23 -17.01
CA THR B 267 1.67 14.43 -16.51
C THR B 267 0.20 14.14 -16.28
N LEU B 268 -0.18 14.11 -15.01
CA LEU B 268 -1.57 13.96 -14.59
C LEU B 268 -2.35 15.23 -14.85
N ASP B 269 -3.67 15.08 -14.93
CA ASP B 269 -4.54 16.18 -15.28
C ASP B 269 -4.80 17.06 -14.06
N SER B 270 -4.36 18.32 -14.13
CA SER B 270 -4.51 19.24 -13.00
C SER B 270 -5.97 19.61 -12.68
N ALA B 271 -6.84 19.61 -13.70
CA ALA B 271 -8.27 19.85 -13.47
C ALA B 271 -8.96 18.76 -12.63
N VAL B 272 -8.71 17.48 -12.93
CA VAL B 272 -9.32 16.38 -12.17
C VAL B 272 -8.80 16.37 -10.72
N MET B 273 -7.54 16.72 -10.54
CA MET B 273 -6.90 16.76 -9.22
C MET B 273 -7.41 17.93 -8.39
N ALA B 274 -7.56 19.10 -9.02
CA ALA B 274 -8.10 20.28 -8.34
C ALA B 274 -9.52 20.07 -7.91
N GLN B 275 -10.29 19.46 -8.81
CA GLN B 275 -11.67 19.10 -8.51
C GLN B 275 -11.74 18.19 -7.28
N THR B 276 -10.86 17.19 -7.23
CA THR B 276 -10.82 16.25 -6.12
C THR B 276 -10.58 16.98 -4.79
N LEU B 277 -9.64 17.92 -4.78
CA LEU B 277 -9.36 18.70 -3.58
C LEU B 277 -10.49 19.67 -3.23
N GLU B 278 -11.14 20.21 -4.25
CA GLU B 278 -12.27 21.11 -4.05
C GLU B 278 -13.42 20.40 -3.35
N ASN B 279 -13.71 19.16 -3.77
CA ASN B 279 -14.75 18.33 -3.14
C ASN B 279 -14.41 18.03 -1.69
N ILE B 280 -13.15 17.69 -1.45
CA ILE B 280 -12.68 17.31 -0.10
C ILE B 280 -12.85 18.44 0.90
N PHE B 281 -12.31 19.61 0.59
CA PHE B 281 -12.37 20.75 1.50
C PHE B 281 -13.79 21.27 1.67
#